data_9G6W
#
_entry.id   9G6W
#
_cell.length_a   105.720
_cell.length_b   105.720
_cell.length_c   59.110
_cell.angle_alpha   90.00
_cell.angle_beta   90.00
_cell.angle_gamma   120.00
#
_symmetry.space_group_name_H-M   'P 65'
#
loop_
_entity.id
_entity.type
_entity.pdbx_description
1 polymer 'Isoform 1 of C-type lectin domain family 4 member M'
2 non-polymer (2~{R},3~{S},4~{R},5~{S},6~{S})-6-(2-chloroethyloxy)-2-(hydroxymethyl)-5-[4-[(imidazolidin-2-ylideneamino)methyl]-1,2,3-triazol-1-yl]oxane-3,4-diol
3 non-polymer 'CALCIUM ION'
4 non-polymer 'CHLORIDE ION'
5 non-polymer 2-AMINO-2-HYDROXYMETHYL-PROPANE-1,3-DIOL
6 water water
#
_entity_poly.entity_id   1
_entity_poly.type   'polypeptide(L)'
_entity_poly.pdbx_seq_one_letter_code
;GGGRHCPKDWTFFQGNCYFMSNSQRNWHDSVTACQEVRAQLVVIKTAEEQNFLQLQTSRSNRFSWMGLSDLNQEGTWQWV
DGSPLSPSFQRYWNSGEPNNSGNEDCAEFSGSGWNDNRCDVDNYWICKKPAACFRDE
;
_entity_poly.pdbx_strand_id   A,B
#
# COMPACT_ATOMS: atom_id res chain seq x y z
N HIS A 5 -1.78 -26.46 5.77
CA HIS A 5 -2.23 -26.92 7.12
C HIS A 5 -2.32 -25.69 8.03
N CYS A 6 -3.51 -25.09 8.05
CA CYS A 6 -3.84 -23.95 8.89
C CYS A 6 -4.26 -24.42 10.27
N PRO A 7 -4.27 -23.52 11.28
CA PRO A 7 -4.85 -23.85 12.58
C PRO A 7 -6.37 -24.00 12.48
N LYS A 8 -6.94 -24.69 13.48
CA LYS A 8 -8.39 -24.85 13.58
C LYS A 8 -9.05 -23.47 13.61
N ASP A 9 -10.14 -23.36 12.87
CA ASP A 9 -10.91 -22.13 12.82
C ASP A 9 -10.45 -21.27 11.64
N TRP A 10 -9.35 -21.68 11.00
CA TRP A 10 -8.88 -21.00 9.81
C TRP A 10 -9.11 -21.84 8.57
N THR A 11 -9.23 -21.20 7.41
CA THR A 11 -9.47 -21.88 6.15
C THR A 11 -8.27 -21.68 5.22
N PHE A 12 -7.74 -22.80 4.73
CA PHE A 12 -6.59 -22.78 3.82
C PHE A 12 -7.04 -22.47 2.41
N PHE A 13 -6.35 -21.56 1.75
CA PHE A 13 -6.55 -21.35 0.33
C PHE A 13 -5.27 -20.83 -0.31
N GLN A 14 -4.62 -21.74 -1.05
CA GLN A 14 -3.50 -21.46 -1.94
C GLN A 14 -2.36 -20.77 -1.21
N GLY A 15 -1.85 -21.44 -0.18
CA GLY A 15 -0.70 -20.97 0.57
C GLY A 15 -1.09 -20.16 1.82
N ASN A 16 -2.34 -19.74 1.94
CA ASN A 16 -2.70 -18.81 3.00
C ASN A 16 -3.84 -19.34 3.87
N CYS A 17 -3.98 -18.69 5.03
CA CYS A 17 -4.98 -18.98 6.03
C CYS A 17 -5.89 -17.76 6.16
N TYR A 18 -7.20 -18.01 6.12
CA TYR A 18 -8.18 -16.95 6.19
C TYR A 18 -9.05 -17.19 7.41
N PHE A 19 -9.30 -16.14 8.18
CA PHE A 19 -10.21 -16.26 9.29
C PHE A 19 -11.44 -15.43 8.98
N MET A 20 -12.59 -16.08 8.85
CA MET A 20 -13.80 -15.33 8.55
C MET A 20 -14.57 -15.15 9.85
N SER A 21 -14.82 -13.87 10.16
CA SER A 21 -15.29 -13.48 11.48
C SER A 21 -16.74 -13.89 11.61
N ASN A 22 -17.14 -14.28 12.84
CA ASN A 22 -18.55 -14.30 13.21
C ASN A 22 -19.02 -12.92 13.64
N SER A 23 -18.17 -12.18 14.35
CA SER A 23 -18.56 -10.91 14.91
C SER A 23 -18.40 -9.81 13.87
N GLN A 24 -19.14 -8.74 14.11
CA GLN A 24 -19.06 -7.54 13.30
C GLN A 24 -18.33 -6.51 14.15
N ARG A 25 -17.44 -5.75 13.51
CA ARG A 25 -16.75 -4.66 14.16
C ARG A 25 -16.51 -3.62 13.11
N ASN A 26 -16.14 -2.42 13.56
CA ASN A 26 -15.78 -1.36 12.63
C ASN A 26 -14.41 -1.63 12.01
N TRP A 27 -14.04 -0.81 11.05
CA TRP A 27 -12.86 -1.09 10.24
C TRP A 27 -11.59 -1.13 11.08
N HIS A 28 -11.35 -0.06 11.85
CA HIS A 28 -10.15 0.09 12.67
C HIS A 28 -10.10 -1.07 13.64
N ASP A 29 -11.24 -1.43 14.21
CA ASP A 29 -11.24 -2.50 15.20
C ASP A 29 -10.94 -3.82 14.51
N SER A 30 -11.35 -3.95 13.25
CA SER A 30 -11.13 -5.18 12.49
C SER A 30 -9.63 -5.33 12.18
N VAL A 31 -9.00 -4.23 11.76
CA VAL A 31 -7.54 -4.19 11.58
C VAL A 31 -6.84 -4.70 12.85
N THR A 32 -7.21 -4.18 14.05
CA THR A 32 -6.51 -4.62 15.25
C THR A 32 -6.85 -6.06 15.58
N ALA A 33 -8.09 -6.48 15.33
CA ALA A 33 -8.47 -7.83 15.69
C ALA A 33 -7.57 -8.84 14.99
N CYS A 34 -7.30 -8.59 13.70
CA CYS A 34 -6.42 -9.45 12.89
C CYS A 34 -4.96 -9.41 13.38
N GLN A 35 -4.47 -8.21 13.68
CA GLN A 35 -3.13 -8.09 14.25
C GLN A 35 -3.01 -8.92 15.51
N GLU A 36 -4.08 -8.92 16.32
CA GLU A 36 -4.04 -9.59 17.60
C GLU A 36 -3.73 -11.07 17.39
N VAL A 37 -4.06 -11.65 16.22
CA VAL A 37 -3.85 -13.08 16.02
C VAL A 37 -2.74 -13.29 14.99
N ARG A 38 -1.85 -12.31 14.87
CA ARG A 38 -0.66 -12.39 14.03
C ARG A 38 -1.06 -12.43 12.56
N ALA A 39 -2.09 -11.67 12.19
CA ALA A 39 -2.56 -11.71 10.83
C ALA A 39 -2.88 -10.29 10.43
N GLN A 40 -3.53 -10.16 9.29
CA GLN A 40 -3.84 -8.85 8.75
C GLN A 40 -5.23 -8.86 8.10
N LEU A 41 -6.02 -7.85 8.39
CA LEU A 41 -7.23 -7.65 7.62
C LEU A 41 -6.84 -7.85 6.16
N VAL A 42 -7.67 -8.61 5.45
CA VAL A 42 -7.29 -9.26 4.21
C VAL A 42 -6.86 -8.25 3.16
N VAL A 43 -5.63 -8.49 2.67
CA VAL A 43 -5.07 -7.91 1.48
C VAL A 43 -5.11 -8.92 0.35
N ILE A 44 -5.71 -8.50 -0.76
CA ILE A 44 -6.00 -9.37 -1.87
C ILE A 44 -4.91 -9.17 -2.93
N LYS A 45 -4.11 -10.22 -3.12
CA LYS A 45 -2.91 -10.20 -3.95
C LYS A 45 -3.18 -10.80 -5.34
N THR A 46 -4.05 -11.83 -5.44
CA THR A 46 -4.34 -12.44 -6.73
C THR A 46 -5.83 -12.43 -7.08
N ALA A 47 -6.11 -12.70 -8.37
CA ALA A 47 -7.46 -12.71 -8.88
C ALA A 47 -8.20 -13.91 -8.32
N GLU A 48 -7.47 -15.03 -8.17
CA GLU A 48 -8.09 -16.24 -7.65
C GLU A 48 -8.55 -15.95 -6.23
N GLU A 49 -7.66 -15.30 -5.45
CA GLU A 49 -7.88 -15.02 -4.04
C GLU A 49 -9.13 -14.17 -3.91
N GLN A 50 -9.21 -13.14 -4.74
CA GLN A 50 -10.38 -12.29 -4.82
C GLN A 50 -11.62 -13.15 -5.02
N ASN A 51 -11.54 -14.18 -5.88
CA ASN A 51 -12.71 -14.95 -6.24
C ASN A 51 -13.19 -15.77 -5.05
N PHE A 52 -12.26 -16.41 -4.40
CA PHE A 52 -12.54 -17.23 -3.23
C PHE A 52 -13.25 -16.40 -2.16
N LEU A 53 -12.75 -15.19 -1.90
CA LEU A 53 -13.30 -14.34 -0.85
C LEU A 53 -14.67 -13.77 -1.27
N GLN A 54 -14.79 -13.44 -2.56
CA GLN A 54 -16.02 -12.93 -3.13
C GLN A 54 -17.13 -13.96 -2.98
N LEU A 55 -16.79 -15.21 -3.33
CA LEU A 55 -17.67 -16.35 -3.15
C LEU A 55 -18.05 -16.44 -1.68
N GLN A 56 -17.04 -16.48 -0.81
CA GLN A 56 -17.21 -16.88 0.59
C GLN A 56 -18.11 -15.87 1.29
N THR A 57 -18.12 -14.62 0.85
CA THR A 57 -18.94 -13.61 1.49
C THR A 57 -20.35 -13.67 0.90
N SER A 58 -20.40 -13.67 -0.44
CA SER A 58 -21.63 -13.57 -1.22
C SER A 58 -22.56 -14.73 -0.93
N ARG A 59 -22.02 -15.92 -0.64
CA ARG A 59 -22.86 -17.09 -0.39
C ARG A 59 -23.66 -16.96 0.91
N SER A 60 -23.21 -16.11 1.86
CA SER A 60 -23.89 -15.78 3.12
C SER A 60 -24.72 -14.50 3.00
N ASN A 61 -24.59 -13.88 1.84
CA ASN A 61 -25.04 -12.51 1.62
C ASN A 61 -24.63 -11.60 2.77
N ARG A 62 -23.32 -11.54 3.09
CA ARG A 62 -22.83 -10.62 4.11
C ARG A 62 -21.80 -9.64 3.54
N PHE A 63 -21.83 -8.42 4.09
CA PHE A 63 -20.78 -7.44 3.88
C PHE A 63 -19.61 -7.75 4.82
N SER A 64 -18.39 -7.59 4.30
CA SER A 64 -17.22 -7.89 5.09
C SER A 64 -16.11 -6.92 4.75
N TRP A 65 -15.37 -6.52 5.79
CA TRP A 65 -14.24 -5.63 5.58
C TRP A 65 -13.09 -6.40 4.94
N MET A 66 -12.36 -5.69 4.09
CA MET A 66 -11.00 -6.07 3.77
C MET A 66 -10.05 -4.92 4.12
N GLY A 67 -8.75 -5.24 4.15
CA GLY A 67 -7.77 -4.26 4.58
C GLY A 67 -7.48 -3.22 3.51
N LEU A 68 -8.46 -2.38 3.19
CA LEU A 68 -8.28 -1.39 2.13
C LEU A 68 -9.05 -0.11 2.48
N SER A 69 -8.41 1.06 2.38
CA SER A 69 -9.01 2.33 2.80
C SER A 69 -8.51 3.48 1.93
N ASP A 70 -9.29 4.55 1.85
CA ASP A 70 -8.75 5.79 1.34
C ASP A 70 -8.85 6.90 2.38
N LEU A 71 -8.65 6.53 3.66
CA LEU A 71 -8.74 7.41 4.81
C LEU A 71 -7.72 8.52 4.73
N ASN A 72 -6.50 8.17 4.30
CA ASN A 72 -5.40 9.10 4.30
C ASN A 72 -5.35 9.95 3.04
N GLN A 73 -6.18 9.65 2.03
CA GLN A 73 -6.24 10.53 0.87
C GLN A 73 -7.41 10.16 -0.01
N GLU A 74 -8.43 11.02 -0.09
CA GLU A 74 -9.63 10.71 -0.84
C GLU A 74 -9.23 10.28 -2.24
N GLY A 75 -9.63 9.07 -2.66
CA GLY A 75 -9.50 8.70 -4.06
C GLY A 75 -8.25 7.86 -4.34
N THR A 76 -7.29 7.88 -3.40
CA THR A 76 -6.11 7.06 -3.51
C THR A 76 -6.15 6.00 -2.44
N TRP A 77 -6.63 4.82 -2.85
CA TRP A 77 -6.85 3.69 -1.96
C TRP A 77 -5.54 2.96 -1.75
N GLN A 78 -5.38 2.35 -0.55
CA GLN A 78 -4.16 1.71 -0.13
C GLN A 78 -4.52 0.54 0.77
N TRP A 79 -3.92 -0.61 0.50
CA TRP A 79 -4.03 -1.79 1.33
C TRP A 79 -3.27 -1.58 2.63
N VAL A 80 -3.58 -2.38 3.65
CA VAL A 80 -3.06 -2.11 4.96
C VAL A 80 -1.61 -2.59 5.07
N ASP A 81 -1.07 -3.25 4.02
CA ASP A 81 0.30 -3.76 4.02
C ASP A 81 1.23 -2.70 3.41
N GLY A 82 0.68 -1.57 2.97
CA GLY A 82 1.48 -0.55 2.33
C GLY A 82 1.19 -0.38 0.84
N SER A 83 0.62 -1.42 0.20
CA SER A 83 0.52 -1.38 -1.25
C SER A 83 -0.65 -0.51 -1.68
N PRO A 84 -0.45 0.48 -2.57
CA PRO A 84 -1.57 1.21 -3.16
C PRO A 84 -2.44 0.28 -3.99
N LEU A 85 -3.73 0.57 -4.07
CA LEU A 85 -4.59 -0.15 -5.00
C LEU A 85 -4.15 0.11 -6.43
N SER A 86 -3.81 -0.97 -7.15
CA SER A 86 -3.33 -0.86 -8.51
C SER A 86 -4.47 -0.57 -9.48
N PRO A 87 -4.23 0.16 -10.58
CA PRO A 87 -5.25 0.29 -11.62
C PRO A 87 -5.93 -1.02 -11.97
N SER A 88 -5.17 -2.12 -12.11
CA SER A 88 -5.78 -3.38 -12.48
C SER A 88 -6.89 -3.76 -11.48
N PHE A 89 -6.58 -3.78 -10.18
CA PHE A 89 -7.56 -4.23 -9.19
C PHE A 89 -8.69 -3.21 -8.98
N GLN A 90 -8.63 -2.05 -9.61
CA GLN A 90 -9.78 -1.17 -9.52
C GLN A 90 -10.98 -1.78 -10.23
N ARG A 91 -10.75 -2.86 -10.97
CA ARG A 91 -11.83 -3.43 -11.76
C ARG A 91 -12.87 -4.02 -10.82
N TYR A 92 -12.48 -4.27 -9.55
CA TYR A 92 -13.32 -5.00 -8.61
C TYR A 92 -14.35 -4.11 -7.90
N TRP A 93 -14.28 -2.79 -8.03
CA TRP A 93 -15.36 -1.96 -7.51
C TRP A 93 -16.68 -2.35 -8.17
N ASN A 94 -17.74 -2.55 -7.38
CA ASN A 94 -19.08 -2.61 -7.95
C ASN A 94 -19.23 -1.37 -8.81
N SER A 95 -20.11 -1.43 -9.81
CA SER A 95 -20.31 -0.29 -10.70
C SER A 95 -20.93 0.88 -9.93
N GLY A 96 -20.47 2.10 -10.26
CA GLY A 96 -20.84 3.32 -9.54
C GLY A 96 -19.88 3.63 -8.37
N GLU A 97 -19.13 2.62 -7.93
CA GLU A 97 -18.28 2.76 -6.76
C GLU A 97 -16.84 2.91 -7.18
N PRO A 98 -15.95 3.52 -6.36
CA PRO A 98 -16.33 4.12 -5.07
C PRO A 98 -16.99 5.48 -5.19
N ASN A 99 -18.11 5.70 -4.46
CA ASN A 99 -18.89 6.93 -4.61
C ASN A 99 -18.57 7.94 -3.50
N ASN A 100 -17.96 7.48 -2.40
CA ASN A 100 -17.66 8.32 -1.26
C ASN A 100 -18.91 9.06 -0.78
N SER A 101 -20.01 8.31 -0.60
CA SER A 101 -21.30 8.89 -0.30
C SER A 101 -21.35 9.29 1.18
N GLY A 102 -21.53 10.61 1.40
CA GLY A 102 -21.37 11.23 2.71
C GLY A 102 -20.06 10.82 3.36
N ASN A 103 -19.02 10.72 2.52
CA ASN A 103 -17.70 10.29 2.92
C ASN A 103 -17.68 8.79 3.26
N GLU A 104 -16.92 7.99 2.49
CA GLU A 104 -16.74 6.57 2.75
C GLU A 104 -15.29 6.17 2.43
N ASP A 105 -14.58 5.64 3.43
CA ASP A 105 -13.13 5.60 3.35
C ASP A 105 -12.61 4.19 3.61
N CYS A 106 -13.50 3.22 3.78
CA CYS A 106 -13.13 1.84 3.99
C CYS A 106 -13.89 0.94 3.02
N ALA A 107 -13.28 -0.19 2.67
CA ALA A 107 -13.77 -1.05 1.62
C ALA A 107 -14.25 -2.39 2.17
N GLU A 108 -15.38 -2.83 1.60
CA GLU A 108 -16.11 -4.03 1.99
C GLU A 108 -16.48 -4.88 0.77
N PHE A 109 -16.48 -6.19 0.94
CA PHE A 109 -17.09 -7.06 -0.05
C PHE A 109 -18.60 -6.81 -0.03
N SER A 110 -19.17 -6.53 -1.19
CA SER A 110 -20.55 -6.09 -1.30
C SER A 110 -21.21 -6.75 -2.50
N GLY A 111 -21.62 -8.01 -2.32
CA GLY A 111 -22.21 -8.82 -3.37
C GLY A 111 -21.14 -9.39 -4.29
N SER A 112 -21.13 -8.93 -5.54
CA SER A 112 -20.21 -9.45 -6.54
C SER A 112 -18.88 -8.66 -6.58
N GLY A 113 -18.87 -7.38 -6.19
CA GLY A 113 -17.61 -6.67 -6.05
C GLY A 113 -17.43 -5.97 -4.69
N TRP A 114 -16.91 -4.74 -4.73
CA TRP A 114 -16.44 -4.04 -3.55
C TRP A 114 -17.24 -2.75 -3.46
N ASN A 115 -17.52 -2.32 -2.23
CA ASN A 115 -18.17 -1.04 -2.03
C ASN A 115 -17.35 -0.22 -1.04
N ASP A 116 -17.30 1.10 -1.28
CA ASP A 116 -16.76 1.99 -0.28
C ASP A 116 -17.90 2.34 0.68
N ASN A 117 -17.59 2.28 1.99
CA ASN A 117 -18.53 2.45 3.08
C ASN A 117 -17.89 3.26 4.22
N ARG A 118 -18.74 3.92 5.02
CA ARG A 118 -18.33 4.58 6.25
C ARG A 118 -17.57 3.61 7.13
N CYS A 119 -16.42 4.05 7.69
CA CYS A 119 -15.50 3.17 8.41
C CYS A 119 -16.04 2.72 9.78
N ASP A 120 -17.07 3.41 10.29
CA ASP A 120 -17.58 3.18 11.65
C ASP A 120 -18.67 2.10 11.67
N VAL A 121 -19.17 1.72 10.48
CA VAL A 121 -20.10 0.61 10.31
C VAL A 121 -19.52 -0.66 10.89
N ASP A 122 -20.36 -1.42 11.58
CA ASP A 122 -20.03 -2.78 12.00
C ASP A 122 -20.28 -3.75 10.83
N ASN A 123 -19.21 -4.45 10.41
CA ASN A 123 -19.25 -5.42 9.33
C ASN A 123 -18.47 -6.65 9.81
N TYR A 124 -18.71 -7.81 9.19
CA TYR A 124 -17.83 -8.95 9.34
C TYR A 124 -16.46 -8.55 8.83
N TRP A 125 -15.46 -9.36 9.13
CA TRP A 125 -14.12 -9.11 8.66
C TRP A 125 -13.41 -10.45 8.44
N ILE A 126 -12.35 -10.43 7.62
CA ILE A 126 -11.55 -11.61 7.26
C ILE A 126 -10.09 -11.30 7.54
N CYS A 127 -9.42 -12.20 8.23
CA CYS A 127 -8.00 -12.08 8.43
C CYS A 127 -7.31 -12.98 7.42
N LYS A 128 -6.01 -12.74 7.21
CA LYS A 128 -5.20 -13.59 6.37
C LYS A 128 -3.80 -13.67 6.97
N LYS A 129 -3.22 -14.86 6.91
CA LYS A 129 -1.83 -14.99 7.29
C LYS A 129 -1.23 -16.19 6.56
N PRO A 130 0.12 -16.23 6.37
CA PRO A 130 0.72 -17.34 5.66
C PRO A 130 0.52 -18.66 6.41
N ALA A 131 0.43 -19.74 5.66
CA ALA A 131 0.28 -21.07 6.28
C ALA A 131 1.64 -21.67 6.57
N ALA A 132 2.69 -21.14 5.92
CA ALA A 132 4.04 -21.70 6.03
C ALA A 132 4.03 -23.11 5.43
N HIS B 5 17.21 -0.63 -23.91
CA HIS B 5 17.15 -0.84 -22.45
C HIS B 5 15.87 -0.23 -21.86
N CYS B 6 15.80 1.12 -21.90
CA CYS B 6 14.74 1.87 -21.24
C CYS B 6 14.14 2.87 -22.21
N PRO B 7 12.91 3.36 -21.91
CA PRO B 7 12.31 4.48 -22.64
C PRO B 7 13.13 5.75 -22.58
N LYS B 8 12.71 6.76 -23.34
CA LYS B 8 13.37 8.06 -23.33
C LYS B 8 12.89 8.84 -22.10
N ASP B 9 13.82 9.60 -21.50
CA ASP B 9 13.63 10.28 -20.22
C ASP B 9 13.84 9.33 -19.05
N TRP B 10 14.21 8.06 -19.32
CA TRP B 10 14.42 7.07 -18.28
C TRP B 10 15.88 6.64 -18.26
N THR B 11 16.35 6.19 -17.09
CA THR B 11 17.74 5.88 -16.82
C THR B 11 17.85 4.42 -16.40
N PHE B 12 18.77 3.71 -17.05
CA PHE B 12 19.02 2.31 -16.75
C PHE B 12 19.94 2.22 -15.53
N PHE B 13 19.63 1.34 -14.58
CA PHE B 13 20.57 1.00 -13.53
C PHE B 13 20.30 -0.43 -13.08
N GLN B 14 21.29 -1.30 -13.28
CA GLN B 14 21.30 -2.70 -12.84
C GLN B 14 19.99 -3.43 -13.06
N GLY B 15 19.41 -3.30 -14.26
CA GLY B 15 18.29 -4.15 -14.65
C GLY B 15 16.93 -3.46 -14.61
N ASN B 16 16.88 -2.26 -14.03
CA ASN B 16 15.64 -1.54 -13.86
C ASN B 16 15.81 -0.19 -14.54
N CYS B 17 14.67 0.42 -14.89
CA CYS B 17 14.59 1.77 -15.43
C CYS B 17 13.96 2.71 -14.41
N TYR B 18 14.43 3.97 -14.39
CA TYR B 18 14.10 4.93 -13.36
C TYR B 18 13.73 6.23 -14.04
N PHE B 19 12.60 6.82 -13.67
CA PHE B 19 12.17 8.10 -14.19
C PHE B 19 12.13 9.14 -13.08
N MET B 20 12.98 10.16 -13.22
CA MET B 20 13.04 11.27 -12.29
C MET B 20 12.10 12.35 -12.79
N SER B 21 11.09 12.74 -11.98
CA SER B 21 10.07 13.66 -12.48
C SER B 21 10.68 15.01 -12.83
N ASN B 22 9.93 15.80 -13.60
CA ASN B 22 10.28 17.17 -13.91
C ASN B 22 9.22 18.10 -13.32
N SER B 23 8.37 17.53 -12.47
CA SER B 23 7.32 18.25 -11.79
C SER B 23 7.19 17.71 -10.38
N GLN B 24 6.36 18.37 -9.58
CA GLN B 24 6.24 18.02 -8.18
C GLN B 24 4.78 17.68 -7.87
N ARG B 25 4.61 16.69 -6.99
CA ARG B 25 3.29 16.28 -6.54
C ARG B 25 3.38 15.73 -5.12
N ASN B 26 2.21 15.67 -4.46
CA ASN B 26 2.09 14.94 -3.21
C ASN B 26 2.43 13.47 -3.43
N TRP B 27 2.60 12.75 -2.35
CA TRP B 27 2.99 11.37 -2.46
C TRP B 27 1.94 10.54 -3.21
N HIS B 28 0.66 10.74 -2.87
CA HIS B 28 -0.42 9.92 -3.38
C HIS B 28 -0.52 10.10 -4.89
N ASP B 29 -0.49 11.35 -5.33
CA ASP B 29 -0.52 11.65 -6.74
C ASP B 29 0.76 11.17 -7.45
N SER B 30 1.85 11.02 -6.71
CA SER B 30 3.09 10.53 -7.29
C SER B 30 2.97 9.03 -7.47
N VAL B 31 2.35 8.37 -6.48
CA VAL B 31 2.07 6.94 -6.60
C VAL B 31 1.30 6.71 -7.89
N THR B 32 0.29 7.51 -8.18
CA THR B 32 -0.57 7.20 -9.30
C THR B 32 0.15 7.51 -10.61
N ALA B 33 0.83 8.66 -10.69
CA ALA B 33 1.59 8.98 -11.89
C ALA B 33 2.50 7.81 -12.28
N CYS B 34 3.12 7.14 -11.31
CA CYS B 34 3.99 6.04 -11.68
C CYS B 34 3.15 4.89 -12.25
N GLN B 35 1.99 4.61 -11.64
CA GLN B 35 1.11 3.56 -12.10
C GLN B 35 0.63 3.88 -13.52
N GLU B 36 0.41 5.15 -13.83
CA GLU B 36 -0.04 5.58 -15.15
C GLU B 36 0.91 5.10 -16.26
N VAL B 37 2.19 4.83 -15.92
CA VAL B 37 3.17 4.50 -16.95
C VAL B 37 3.77 3.14 -16.65
N ARG B 38 3.00 2.28 -15.99
CA ARG B 38 3.36 0.88 -15.76
C ARG B 38 4.59 0.79 -14.86
N ALA B 39 4.65 1.74 -13.94
CA ALA B 39 5.77 1.82 -13.03
C ALA B 39 5.23 2.00 -11.62
N GLN B 40 6.16 1.93 -10.66
CA GLN B 40 5.89 2.04 -9.24
C GLN B 40 6.83 3.03 -8.58
N LEU B 41 6.26 3.96 -7.79
CA LEU B 41 7.04 4.86 -6.95
C LEU B 41 8.09 4.01 -6.24
N VAL B 42 9.36 4.41 -6.37
CA VAL B 42 10.48 3.48 -6.28
C VAL B 42 10.47 2.76 -4.94
N VAL B 43 10.59 1.45 -5.05
CA VAL B 43 10.87 0.56 -3.95
C VAL B 43 12.32 0.12 -4.07
N ILE B 44 13.08 0.22 -2.97
CA ILE B 44 14.50 -0.09 -2.96
C ILE B 44 14.69 -1.50 -2.45
N LYS B 45 15.40 -2.31 -3.23
CA LYS B 45 15.60 -3.72 -2.91
C LYS B 45 17.04 -4.00 -2.49
N THR B 46 17.98 -3.12 -2.86
CA THR B 46 19.40 -3.37 -2.62
C THR B 46 20.10 -2.09 -2.17
N ALA B 47 21.24 -2.30 -1.48
CA ALA B 47 22.15 -1.25 -1.05
C ALA B 47 22.60 -0.36 -2.22
N GLU B 48 22.99 -1.00 -3.31
CA GLU B 48 23.55 -0.34 -4.48
C GLU B 48 22.49 0.55 -5.11
N GLU B 49 21.24 0.07 -5.10
CA GLU B 49 20.14 0.82 -5.69
C GLU B 49 19.87 2.13 -4.90
N GLN B 50 19.76 1.97 -3.58
CA GLN B 50 19.68 3.12 -2.68
C GLN B 50 20.81 4.09 -3.00
N ASN B 51 22.03 3.57 -2.98
CA ASN B 51 23.21 4.37 -3.18
C ASN B 51 23.02 5.23 -4.42
N PHE B 52 22.69 4.57 -5.51
CA PHE B 52 22.50 5.18 -6.82
C PHE B 52 21.45 6.26 -6.75
N LEU B 53 20.34 5.97 -6.05
CA LEU B 53 19.23 6.93 -6.02
C LEU B 53 19.59 8.12 -5.15
N GLN B 54 20.18 7.81 -4.00
CA GLN B 54 20.64 8.82 -3.07
C GLN B 54 21.48 9.85 -3.80
N LEU B 55 22.44 9.39 -4.62
CA LEU B 55 23.37 10.27 -5.31
C LEU B 55 22.66 11.05 -6.41
N GLN B 56 21.82 10.36 -7.19
CA GLN B 56 21.14 11.02 -8.30
C GLN B 56 20.28 12.17 -7.75
N THR B 57 19.65 11.96 -6.58
CA THR B 57 18.80 13.00 -5.99
C THR B 57 19.66 14.16 -5.48
N SER B 58 20.77 13.81 -4.81
CA SER B 58 21.76 14.78 -4.35
C SER B 58 22.33 15.62 -5.49
N ARG B 59 22.55 15.02 -6.67
CA ARG B 59 23.20 15.73 -7.77
C ARG B 59 22.32 16.86 -8.26
N SER B 60 21.01 16.63 -8.31
CA SER B 60 20.08 17.64 -8.81
C SER B 60 19.57 18.53 -7.68
N ASN B 61 19.98 18.23 -6.43
CA ASN B 61 19.62 18.97 -5.23
C ASN B 61 18.11 18.98 -5.08
N ARG B 62 17.55 17.79 -4.98
CA ARG B 62 16.11 17.63 -4.93
C ARG B 62 15.72 16.76 -3.75
N PHE B 63 14.54 17.05 -3.22
CA PHE B 63 13.81 16.09 -2.41
C PHE B 63 12.92 15.30 -3.36
N SER B 64 12.84 13.99 -3.12
CA SER B 64 12.08 13.13 -4.01
C SER B 64 11.38 12.04 -3.22
N TRP B 65 10.12 11.82 -3.60
CA TRP B 65 9.32 10.78 -2.98
C TRP B 65 9.90 9.41 -3.33
N MET B 66 9.84 8.48 -2.37
CA MET B 66 9.93 7.08 -2.72
C MET B 66 8.65 6.38 -2.28
N GLY B 67 8.55 5.11 -2.63
CA GLY B 67 7.37 4.30 -2.38
C GLY B 67 7.43 3.64 -1.01
N LEU B 68 7.32 4.44 0.04
CA LEU B 68 7.57 4.01 1.41
C LEU B 68 6.79 4.93 2.32
N SER B 69 5.95 4.32 3.18
CA SER B 69 4.97 5.06 3.96
C SER B 69 4.76 4.33 5.29
N ASP B 70 4.33 5.08 6.32
CA ASP B 70 3.80 4.43 7.51
C ASP B 70 2.37 4.92 7.74
N LEU B 71 1.69 5.24 6.63
CA LEU B 71 0.33 5.80 6.62
C LEU B 71 -0.68 4.92 7.34
N ASN B 72 -0.52 3.59 7.24
CA ASN B 72 -1.46 2.66 7.85
C ASN B 72 -1.27 2.55 9.36
N GLN B 73 -0.04 2.35 9.79
CA GLN B 73 0.28 2.18 11.21
C GLN B 73 1.53 3.01 11.55
N GLU B 74 1.38 4.01 12.43
CA GLU B 74 2.53 4.84 12.80
C GLU B 74 3.70 3.97 13.25
N GLY B 75 4.87 4.17 12.63
CA GLY B 75 6.11 3.56 13.10
C GLY B 75 6.44 2.23 12.43
N THR B 76 5.49 1.64 11.71
CA THR B 76 5.72 0.43 10.93
C THR B 76 5.77 0.80 9.45
N TRP B 77 6.99 0.87 8.89
CA TRP B 77 7.17 1.42 7.57
C TRP B 77 7.02 0.35 6.49
N GLN B 78 6.39 0.75 5.37
CA GLN B 78 5.93 -0.23 4.38
C GLN B 78 6.26 0.26 2.99
N TRP B 79 6.87 -0.64 2.22
CA TRP B 79 7.05 -0.38 0.81
C TRP B 79 5.70 -0.42 0.08
N VAL B 80 5.60 0.30 -1.04
CA VAL B 80 4.37 0.30 -1.81
C VAL B 80 4.13 -1.06 -2.46
N ASP B 81 5.08 -2.00 -2.34
CA ASP B 81 4.89 -3.34 -2.85
C ASP B 81 4.39 -4.26 -1.74
N GLY B 82 4.03 -3.68 -0.59
CA GLY B 82 3.37 -4.41 0.48
C GLY B 82 4.33 -5.31 1.25
N SER B 83 5.60 -4.86 1.34
CA SER B 83 6.62 -5.49 2.19
C SER B 83 7.02 -4.55 3.33
N PRO B 84 7.41 -5.07 4.52
CA PRO B 84 7.91 -4.22 5.61
C PRO B 84 9.31 -3.66 5.38
N LEU B 85 9.56 -2.41 5.76
CA LEU B 85 10.93 -1.93 5.78
C LEU B 85 11.69 -2.83 6.76
N SER B 86 12.66 -3.58 6.24
CA SER B 86 13.44 -4.53 7.00
C SER B 86 14.34 -3.83 8.00
N PRO B 87 14.75 -4.48 9.12
CA PRO B 87 15.66 -3.84 10.09
C PRO B 87 16.92 -3.33 9.41
N SER B 88 17.52 -4.13 8.53
CA SER B 88 18.70 -3.73 7.80
C SER B 88 18.55 -2.33 7.21
N PHE B 89 17.52 -2.13 6.40
CA PHE B 89 17.37 -0.95 5.58
C PHE B 89 16.90 0.27 6.37
N GLN B 90 16.63 0.08 7.66
CA GLN B 90 16.27 1.18 8.54
C GLN B 90 17.49 2.10 8.73
N ARG B 91 18.65 1.56 8.39
CA ARG B 91 19.87 2.33 8.46
C ARG B 91 19.85 3.56 7.52
N TYR B 92 18.96 3.64 6.51
CA TYR B 92 19.05 4.72 5.53
C TYR B 92 18.38 6.00 5.99
N TRP B 93 17.70 5.92 7.15
CA TRP B 93 17.09 7.09 7.73
C TRP B 93 18.17 8.14 8.06
N ASN B 94 17.92 9.38 7.68
CA ASN B 94 18.69 10.50 8.23
C ASN B 94 18.64 10.47 9.76
N SER B 95 19.69 10.97 10.40
CA SER B 95 19.83 10.85 11.85
C SER B 95 18.65 11.62 12.46
N GLY B 96 18.09 11.07 13.53
CA GLY B 96 16.94 11.66 14.17
C GLY B 96 15.64 11.36 13.44
N GLU B 97 15.70 10.64 12.29
CA GLU B 97 14.50 10.29 11.53
C GLU B 97 14.27 8.78 11.67
N PRO B 98 13.04 8.28 11.48
CA PRO B 98 11.87 9.12 11.21
C PRO B 98 11.32 9.68 12.52
N ASN B 99 11.00 10.96 12.56
CA ASN B 99 10.63 11.64 13.80
C ASN B 99 9.14 11.98 13.89
N ASN B 100 8.39 11.89 12.78
CA ASN B 100 6.94 12.01 12.78
C ASN B 100 6.51 13.41 13.25
N SER B 101 7.29 14.42 12.91
CA SER B 101 7.05 15.77 13.38
C SER B 101 5.80 16.35 12.72
N GLY B 102 4.69 16.43 13.47
CA GLY B 102 3.44 16.95 12.92
C GLY B 102 2.85 15.97 11.88
N ASN B 103 3.08 14.69 12.11
CA ASN B 103 2.49 13.57 11.39
C ASN B 103 3.05 13.47 9.98
N GLU B 104 4.10 12.66 9.87
CA GLU B 104 4.91 12.54 8.67
C GLU B 104 4.97 11.08 8.31
N ASP B 105 4.29 10.74 7.21
CA ASP B 105 4.01 9.34 6.91
C ASP B 105 4.51 8.92 5.54
N CYS B 106 5.22 9.82 4.83
CA CYS B 106 5.74 9.54 3.49
C CYS B 106 7.23 9.86 3.43
N ALA B 107 8.03 8.87 3.00
CA ALA B 107 9.46 9.03 2.89
C ALA B 107 9.86 9.77 1.60
N GLU B 108 10.86 10.65 1.77
CA GLU B 108 11.54 11.37 0.70
C GLU B 108 13.03 11.12 0.85
N PHE B 109 13.76 11.25 -0.26
CA PHE B 109 15.21 11.34 -0.25
C PHE B 109 15.58 12.76 0.17
N SER B 110 16.43 12.85 1.20
CA SER B 110 16.78 14.15 1.76
C SER B 110 18.29 14.14 1.97
N GLY B 111 19.01 14.67 0.97
CA GLY B 111 20.46 14.56 0.91
C GLY B 111 20.94 13.12 0.83
N SER B 112 21.62 12.68 1.88
CA SER B 112 22.31 11.40 1.84
C SER B 112 21.46 10.25 2.36
N GLY B 113 20.31 10.58 2.98
CA GLY B 113 19.43 9.63 3.62
C GLY B 113 17.95 9.99 3.43
N TRP B 114 17.10 9.28 4.18
CA TRP B 114 15.65 9.42 4.05
C TRP B 114 15.08 10.29 5.17
N ASN B 115 14.03 11.00 4.84
CA ASN B 115 13.29 11.77 5.83
C ASN B 115 11.81 11.43 5.69
N ASP B 116 11.12 11.32 6.83
CA ASP B 116 9.67 11.25 6.83
C ASP B 116 9.15 12.67 6.74
N ASN B 117 8.25 12.88 5.79
CA ASN B 117 7.72 14.20 5.54
C ASN B 117 6.20 14.06 5.39
N ARG B 118 5.52 15.19 5.58
CA ARG B 118 4.11 15.36 5.26
C ARG B 118 3.78 14.85 3.87
N CYS B 119 2.76 13.98 3.79
CA CYS B 119 2.37 13.38 2.52
C CYS B 119 1.83 14.40 1.52
N ASP B 120 1.39 15.56 1.99
CA ASP B 120 0.77 16.56 1.10
C ASP B 120 1.79 17.57 0.56
N VAL B 121 3.09 17.30 0.80
CA VAL B 121 4.18 18.10 0.26
C VAL B 121 4.25 17.85 -1.24
N ASP B 122 4.44 18.90 -2.05
CA ASP B 122 4.85 18.75 -3.44
C ASP B 122 6.36 18.51 -3.59
N ASN B 123 6.75 17.24 -3.84
CA ASN B 123 8.10 16.85 -4.20
C ASN B 123 8.18 16.30 -5.62
N TYR B 124 9.42 16.24 -6.11
CA TYR B 124 9.74 15.40 -7.25
C TYR B 124 9.51 13.96 -6.83
N TRP B 125 9.50 13.03 -7.79
CA TRP B 125 9.30 11.65 -7.45
C TRP B 125 10.09 10.76 -8.41
N ILE B 126 10.17 9.47 -8.07
CA ILE B 126 10.92 8.52 -8.87
C ILE B 126 10.08 7.26 -9.11
N CYS B 127 9.90 6.96 -10.40
CA CYS B 127 9.28 5.72 -10.83
C CYS B 127 10.37 4.71 -11.16
N LYS B 128 10.10 3.46 -10.83
CA LYS B 128 10.90 2.34 -11.26
C LYS B 128 10.00 1.35 -12.01
N LYS B 129 10.46 0.89 -13.19
CA LYS B 129 10.00 -0.39 -13.74
C LYS B 129 11.17 -1.16 -14.32
N PRO B 130 11.02 -2.48 -14.55
CA PRO B 130 12.12 -3.30 -15.04
C PRO B 130 12.52 -2.96 -16.47
N ALA B 131 13.81 -3.12 -16.78
CA ALA B 131 14.27 -3.03 -18.16
C ALA B 131 13.73 -4.20 -18.98
N ALA B 132 13.92 -5.42 -18.45
CA ALA B 132 13.37 -6.67 -18.96
C ALA B 132 14.34 -7.31 -19.98
#